data_6W5Y
#
_entry.id   6W5Y
#
_cell.length_a   243.310
_cell.length_b   37.350
_cell.length_c   66.990
_cell.angle_alpha   90.000
_cell.angle_beta   102.280
_cell.angle_gamma   90.000
#
_symmetry.space_group_name_H-M   'C 1 2 1'
#
loop_
_entity.id
_entity.type
_entity.pdbx_description
1 polymer 'EnvP(b)1 inferred receptor binding domain'
2 branched beta-D-mannopyranose-(1-4)-2-acetamido-2-deoxy-beta-D-glucopyranose-(1-4)-2-acetamido-2-deoxy-beta-D-glucopyranose
3 branched 2-acetamido-2-deoxy-beta-D-glucopyranose-(1-4)-[alpha-L-fucopyranose-(1-6)]2-acetamido-2-deoxy-beta-D-glucopyranose
4 branched 2-acetamido-2-deoxy-beta-D-glucopyranose-(1-4)-2-acetamido-2-deoxy-beta-D-glucopyranose
5 non-polymer GLYCEROL
6 water water
#
_entity_poly.entity_id   1
_entity_poly.type   'polypeptide(L)'
_entity_poly.pdbx_seq_one_letter_code
;ASHLIINVTRSDSPQTITFDACLVIPCGDLQSQRQLAAAEKYLCPSEADASTLFSFPFCHTWEYVVWTTQRQDWVPSQDF
PLAVLKPYIHFTKGIAPPNCRYNQCNPVQISITIPTLQDSSPTLNRFYGMGADVRGKDPIGFFELHLSTSPSLISPRLSG
AYPYDVPDYAGAGLEVLFQGPGGAHHHHHHHHGGAHHHHHH
;
_entity_poly.pdbx_strand_id   A,B,C
#
loop_
_chem_comp.id
_chem_comp.type
_chem_comp.name
_chem_comp.formula
BMA D-saccharide, beta linking beta-D-mannopyranose 'C6 H12 O6'
FUC L-saccharide, alpha linking alpha-L-fucopyranose 'C6 H12 O5'
GOL non-polymer GLYCEROL 'C3 H8 O3'
NAG D-saccharide, beta linking 2-acetamido-2-deoxy-beta-D-glucopyranose 'C8 H15 N O6'
#
# COMPACT_ATOMS: atom_id res chain seq x y z
N HIS A 3 6.40 -21.69 13.45
CA HIS A 3 4.95 -21.63 13.27
C HIS A 3 4.51 -22.57 12.15
N LEU A 4 3.21 -22.83 12.07
CA LEU A 4 2.69 -23.74 11.06
C LEU A 4 2.70 -23.07 9.68
N ILE A 5 3.23 -23.77 8.69
CA ILE A 5 3.26 -23.32 7.31
C ILE A 5 2.42 -24.27 6.48
N ILE A 6 1.34 -23.74 5.91
CA ILE A 6 0.51 -24.51 4.97
C ILE A 6 1.08 -24.32 3.57
N ASN A 7 1.55 -25.41 2.97
CA ASN A 7 2.17 -25.38 1.64
C ASN A 7 1.11 -25.67 0.58
N VAL A 8 0.82 -24.70 -0.27
CA VAL A 8 -0.19 -24.85 -1.31
C VAL A 8 0.49 -24.90 -2.68
N THR A 9 0.18 -25.94 -3.45
CA THR A 9 0.68 -26.07 -4.80
C THR A 9 -0.21 -25.27 -5.76
N ARG A 10 0.38 -24.34 -6.49
CA ARG A 10 -0.37 -23.52 -7.43
C ARG A 10 -1.08 -24.39 -8.46
N SER A 11 -2.36 -24.11 -8.69
CA SER A 11 -3.18 -24.89 -9.59
C SER A 11 -3.97 -23.94 -10.49
N ASP A 12 -4.45 -24.47 -11.61
CA ASP A 12 -5.35 -23.72 -12.48
C ASP A 12 -6.82 -23.94 -12.15
N SER A 13 -7.10 -24.66 -11.06
CA SER A 13 -8.46 -24.95 -10.63
C SER A 13 -8.62 -24.61 -9.16
N PRO A 14 -9.85 -24.46 -8.68
CA PRO A 14 -10.08 -24.33 -7.24
C PRO A 14 -9.53 -25.54 -6.48
N GLN A 15 -9.54 -25.40 -5.16
CA GLN A 15 -8.68 -26.21 -4.31
C GLN A 15 -9.06 -26.06 -2.84
N THR A 16 -9.39 -27.17 -2.19
CA THR A 16 -9.81 -27.19 -0.79
C THR A 16 -8.66 -27.74 0.06
N ILE A 17 -8.60 -27.33 1.33
CA ILE A 17 -7.51 -27.74 2.21
C ILE A 17 -8.09 -28.03 3.59
N THR A 18 -7.91 -29.26 4.06
CA THR A 18 -8.41 -29.69 5.36
C THR A 18 -7.24 -29.89 6.31
N PHE A 19 -7.35 -29.31 7.51
CA PHE A 19 -6.37 -29.51 8.57
C PHE A 19 -7.05 -29.19 9.89
N ASP A 20 -6.37 -29.48 10.99
CA ASP A 20 -6.94 -29.29 12.32
C ASP A 20 -6.67 -27.88 12.82
N ALA A 21 -7.74 -27.22 13.29
CA ALA A 21 -7.60 -25.84 13.77
C ALA A 21 -6.58 -25.75 14.92
N CYS A 22 -6.50 -26.76 15.77
CA CYS A 22 -5.58 -26.68 16.90
C CYS A 22 -4.13 -26.89 16.50
N LEU A 23 -3.82 -27.07 15.22
CA LEU A 23 -2.46 -26.84 14.76
C LEU A 23 -2.12 -25.36 14.79
N VAL A 24 -3.14 -24.50 14.71
CA VAL A 24 -2.97 -23.06 14.70
C VAL A 24 -3.41 -22.45 16.03
N ILE A 25 -4.60 -22.81 16.50
CA ILE A 25 -5.17 -22.18 17.68
C ILE A 25 -4.55 -22.82 18.92
N PRO A 26 -4.15 -22.03 19.94
CA PRO A 26 -3.71 -22.62 21.21
C PRO A 26 -4.88 -23.18 22.00
N CYS A 27 -5.37 -24.36 21.62
CA CYS A 27 -6.54 -24.94 22.26
C CYS A 27 -6.22 -25.54 23.62
N GLY A 28 -5.05 -26.16 23.75
CA GLY A 28 -4.67 -26.82 24.99
C GLY A 28 -4.66 -28.33 24.86
N ASP A 29 -4.94 -29.03 25.96
CA ASP A 29 -4.92 -30.48 25.98
C ASP A 29 -6.16 -31.04 25.27
N LEU A 30 -6.28 -32.37 25.29
CA LEU A 30 -7.34 -33.03 24.53
C LEU A 30 -8.72 -32.66 25.05
N GLN A 31 -8.89 -32.67 26.38
CA GLN A 31 -10.20 -32.34 26.96
C GLN A 31 -10.64 -30.94 26.56
N SER A 32 -9.69 -30.01 26.44
CA SER A 32 -10.02 -28.67 25.98
C SER A 32 -10.32 -28.65 24.49
N GLN A 33 -9.61 -29.44 23.70
CA GLN A 33 -9.89 -29.51 22.27
C GLN A 33 -11.30 -30.05 22.01
N ARG A 34 -11.74 -31.01 22.84
CA ARG A 34 -13.07 -31.58 22.66
C ARG A 34 -14.15 -30.56 22.94
N GLN A 35 -13.93 -29.68 23.92
CA GLN A 35 -14.86 -28.57 24.15
C GLN A 35 -14.94 -27.68 22.92
N LEU A 36 -13.82 -27.45 22.26
CA LEU A 36 -13.75 -26.56 21.11
C LEU A 36 -14.31 -27.18 19.83
N ALA A 37 -14.57 -28.48 19.83
CA ALA A 37 -14.96 -29.19 18.61
C ALA A 37 -16.17 -28.55 17.96
N ALA A 38 -17.21 -28.26 18.75
CA ALA A 38 -18.45 -27.71 18.24
C ALA A 38 -18.43 -26.20 18.10
N ALA A 39 -17.36 -25.53 18.53
CA ALA A 39 -17.31 -24.08 18.47
C ALA A 39 -17.00 -23.61 17.05
N GLU A 40 -17.45 -22.40 16.74
CA GLU A 40 -17.18 -21.80 15.44
C GLU A 40 -15.76 -21.26 15.40
N LYS A 41 -15.20 -21.22 14.19
CA LYS A 41 -13.86 -20.69 13.96
C LYS A 41 -13.93 -19.52 12.99
N TYR A 42 -12.90 -18.69 13.03
CA TYR A 42 -12.81 -17.54 12.14
C TYR A 42 -11.37 -17.33 11.70
N LEU A 43 -11.21 -16.58 10.61
CA LEU A 43 -9.94 -16.47 9.90
C LEU A 43 -9.70 -15.03 9.50
N CYS A 44 -8.54 -14.49 9.87
CA CYS A 44 -8.21 -13.09 9.65
C CYS A 44 -6.95 -12.97 8.80
N PRO A 45 -6.98 -12.32 7.65
CA PRO A 45 -5.74 -12.05 6.93
C PRO A 45 -4.95 -10.94 7.62
N SER A 46 -3.62 -11.05 7.54
CA SER A 46 -2.73 -10.15 8.24
C SER A 46 -1.80 -9.45 7.25
N GLU A 47 -1.31 -8.28 7.65
CA GLU A 47 -0.32 -7.55 6.88
C GLU A 47 1.08 -7.64 7.49
N ALA A 48 1.26 -8.52 8.49
CA ALA A 48 2.57 -8.72 9.09
C ALA A 48 3.43 -9.62 8.21
N ASP A 49 4.74 -9.46 8.36
CA ASP A 49 5.71 -10.36 7.73
C ASP A 49 6.48 -11.10 8.82
N ALA A 50 7.44 -11.92 8.39
CA ALA A 50 8.18 -12.75 9.33
C ALA A 50 8.90 -11.93 10.39
N SER A 51 9.38 -10.74 10.05
CA SER A 51 10.13 -9.93 10.98
C SER A 51 9.27 -8.94 11.76
N THR A 52 7.95 -8.92 11.53
CA THR A 52 7.05 -8.07 12.28
C THR A 52 5.93 -8.85 12.94
N LEU A 53 6.04 -10.19 12.99
CA LEU A 53 4.97 -11.02 13.53
C LEU A 53 4.55 -10.56 14.91
N PHE A 54 5.50 -10.07 15.71
CA PHE A 54 5.22 -9.76 17.10
C PHE A 54 4.64 -8.37 17.30
N SER A 55 4.50 -7.57 16.25
CA SER A 55 3.98 -6.22 16.40
C SER A 55 2.63 -6.01 15.73
N PHE A 56 2.10 -7.02 15.03
CA PHE A 56 0.75 -6.99 14.47
C PHE A 56 -0.02 -8.14 15.08
N PRO A 57 -0.65 -7.95 16.24
CA PRO A 57 -1.48 -9.02 16.81
C PRO A 57 -2.59 -9.43 15.85
N PHE A 58 -2.95 -10.70 15.92
CA PHE A 58 -3.87 -11.33 14.97
C PHE A 58 -5.30 -11.33 15.50
N CYS A 59 -6.26 -11.31 14.55
CA CYS A 59 -7.68 -11.05 14.80
C CYS A 59 -7.90 -10.12 15.96
N HIS A 60 -7.32 -8.93 15.87
CA HIS A 60 -7.30 -8.06 17.04
C HIS A 60 -8.60 -7.32 17.24
N THR A 61 -9.31 -7.00 16.16
CA THR A 61 -10.64 -6.41 16.23
C THR A 61 -11.57 -7.15 15.28
N TRP A 62 -12.85 -6.83 15.36
CA TRP A 62 -13.81 -7.47 14.45
C TRP A 62 -13.52 -7.13 13.00
N GLU A 63 -12.89 -5.96 12.76
CA GLU A 63 -12.64 -5.51 11.40
C GLU A 63 -11.64 -6.40 10.65
N TYR A 64 -10.88 -7.22 11.36
CA TYR A 64 -9.93 -8.13 10.72
C TYR A 64 -10.57 -9.45 10.30
N VAL A 65 -11.76 -9.76 10.79
CA VAL A 65 -12.39 -11.04 10.48
C VAL A 65 -13.03 -10.97 9.09
N VAL A 66 -12.56 -11.83 8.19
CA VAL A 66 -13.12 -11.90 6.85
C VAL A 66 -13.90 -13.20 6.62
N TRP A 67 -13.58 -14.28 7.32
CA TRP A 67 -14.26 -15.55 7.13
C TRP A 67 -14.56 -16.19 8.48
N THR A 68 -15.74 -16.80 8.59
CA THR A 68 -16.11 -17.62 9.74
C THR A 68 -16.72 -18.92 9.25
N THR A 69 -16.63 -19.94 10.10
CA THR A 69 -17.20 -21.26 9.80
C THR A 69 -18.70 -21.30 9.98
N GLN A 70 -19.33 -20.19 10.33
CA GLN A 70 -20.79 -20.15 10.42
C GLN A 70 -21.41 -20.36 9.05
N ARG A 71 -22.68 -20.78 9.04
CA ARG A 71 -23.38 -20.94 7.77
C ARG A 71 -23.71 -19.59 7.16
N GLN A 72 -24.28 -18.69 7.95
CA GLN A 72 -24.51 -17.34 7.48
C GLN A 72 -23.17 -16.66 7.25
N ASP A 73 -23.02 -16.05 6.07
CA ASP A 73 -21.72 -15.59 5.62
C ASP A 73 -21.36 -14.26 6.29
N TRP A 74 -20.13 -14.18 6.78
CA TRP A 74 -19.66 -13.01 7.52
C TRP A 74 -19.43 -11.85 6.56
N VAL A 75 -20.03 -10.70 6.87
CA VAL A 75 -19.86 -9.49 6.08
C VAL A 75 -18.62 -8.76 6.59
N PRO A 76 -17.54 -8.72 5.82
CA PRO A 76 -16.30 -8.10 6.31
C PRO A 76 -16.42 -6.59 6.41
N SER A 77 -15.45 -5.99 7.08
CA SER A 77 -15.43 -4.54 7.23
C SER A 77 -15.16 -3.89 5.88
N GLN A 78 -16.06 -2.98 5.50
CA GLN A 78 -15.98 -2.28 4.22
C GLN A 78 -14.62 -1.66 3.99
N ASP A 79 -14.02 -1.09 5.03
CA ASP A 79 -12.81 -0.30 4.89
C ASP A 79 -11.55 -1.06 5.27
N PHE A 80 -11.67 -2.32 5.65
CA PHE A 80 -10.49 -3.13 5.89
C PHE A 80 -9.84 -3.46 4.55
N PRO A 81 -8.60 -3.04 4.31
CA PRO A 81 -8.02 -3.21 2.96
C PRO A 81 -7.94 -4.66 2.51
N LEU A 82 -7.72 -5.60 3.41
CA LEU A 82 -7.63 -7.01 3.02
C LEU A 82 -8.98 -7.70 2.96
N ALA A 83 -10.08 -6.97 3.16
CA ALA A 83 -11.41 -7.57 2.99
C ALA A 83 -11.66 -8.00 1.55
N VAL A 84 -10.95 -7.42 0.59
CA VAL A 84 -11.12 -7.79 -0.81
C VAL A 84 -10.78 -9.25 -1.07
N LEU A 85 -10.01 -9.88 -0.18
CA LEU A 85 -9.71 -11.30 -0.33
C LEU A 85 -10.94 -12.18 -0.14
N LYS A 86 -12.03 -11.62 0.39
CA LYS A 86 -13.20 -12.41 0.78
C LYS A 86 -13.67 -13.42 -0.26
N PRO A 87 -13.87 -13.07 -1.54
CA PRO A 87 -14.39 -14.07 -2.48
C PRO A 87 -13.40 -15.18 -2.82
N TYR A 88 -12.12 -15.02 -2.46
CA TYR A 88 -11.12 -16.01 -2.85
C TYR A 88 -11.10 -17.23 -1.95
N ILE A 89 -11.73 -17.16 -0.77
CA ILE A 89 -11.63 -18.21 0.23
C ILE A 89 -13.01 -18.49 0.79
N HIS A 90 -13.33 -19.78 0.94
CA HIS A 90 -14.41 -20.24 1.80
C HIS A 90 -13.80 -21.01 2.97
N PHE A 91 -14.29 -20.73 4.17
CA PHE A 91 -13.77 -21.31 5.41
C PHE A 91 -14.88 -22.07 6.10
N THR A 92 -14.75 -23.38 6.21
CA THR A 92 -15.81 -24.22 6.75
C THR A 92 -15.29 -25.10 7.87
N LYS A 93 -16.23 -25.64 8.63
CA LYS A 93 -15.95 -26.47 9.80
C LYS A 93 -16.40 -27.89 9.50
N GLY A 94 -15.53 -28.86 9.80
CA GLY A 94 -15.89 -30.26 9.78
C GLY A 94 -16.45 -30.69 11.12
N ILE A 95 -16.85 -31.97 11.18
CA ILE A 95 -17.28 -32.58 12.43
C ILE A 95 -16.35 -33.75 12.73
N ALA A 96 -15.97 -33.89 13.99
CA ALA A 96 -15.07 -34.93 14.43
C ALA A 96 -15.82 -36.01 15.20
N PRO A 97 -15.32 -37.24 15.21
CA PRO A 97 -15.96 -38.31 15.99
C PRO A 97 -15.93 -37.97 17.48
N PRO A 98 -16.83 -38.56 18.27
CA PRO A 98 -16.87 -38.24 19.70
C PRO A 98 -15.68 -38.76 20.48
N ASN A 99 -14.98 -39.78 19.98
CA ASN A 99 -13.73 -40.24 20.59
C ASN A 99 -12.52 -39.61 19.91
N CYS A 100 -12.65 -38.36 19.50
CA CYS A 100 -11.60 -37.67 18.79
C CYS A 100 -10.30 -37.68 19.58
N ARG A 101 -9.19 -37.64 18.87
CA ARG A 101 -7.87 -37.69 19.49
C ARG A 101 -7.13 -36.36 19.31
N TYR A 102 -6.00 -36.26 19.99
CA TYR A 102 -5.23 -35.01 20.04
C TYR A 102 -5.00 -34.46 18.65
N ASN A 103 -5.25 -33.16 18.49
CA ASN A 103 -5.08 -32.45 17.22
C ASN A 103 -5.96 -33.01 16.11
N GLN A 104 -7.07 -33.66 16.48
CA GLN A 104 -7.99 -34.20 15.48
C GLN A 104 -9.45 -34.05 15.89
N CYS A 105 -9.78 -33.08 16.76
CA CYS A 105 -11.15 -32.80 17.15
C CYS A 105 -11.71 -31.56 16.46
N ASN A 106 -10.88 -30.77 15.78
CA ASN A 106 -11.30 -29.50 15.19
C ASN A 106 -10.90 -29.44 13.72
N PRO A 107 -11.51 -30.28 12.88
CA PRO A 107 -11.22 -30.18 11.44
C PRO A 107 -11.84 -28.92 10.85
N VAL A 108 -11.03 -28.17 10.11
CA VAL A 108 -11.51 -27.03 9.34
C VAL A 108 -11.01 -27.19 7.91
N GLN A 109 -11.68 -26.50 6.99
CA GLN A 109 -11.35 -26.58 5.58
C GLN A 109 -11.21 -25.18 5.01
N ILE A 110 -10.11 -24.95 4.30
CA ILE A 110 -9.89 -23.70 3.58
C ILE A 110 -9.99 -24.04 2.10
N SER A 111 -11.04 -23.52 1.45
CA SER A 111 -11.26 -23.72 0.02
C SER A 111 -10.80 -22.48 -0.72
N ILE A 112 -9.71 -22.59 -1.47
CA ILE A 112 -9.28 -21.52 -2.37
C ILE A 112 -10.12 -21.61 -3.64
N THR A 113 -10.93 -20.59 -3.89
CA THR A 113 -11.95 -20.63 -4.93
C THR A 113 -11.44 -20.15 -6.29
N ILE A 114 -10.21 -19.69 -6.37
CA ILE A 114 -9.67 -19.10 -7.59
C ILE A 114 -8.47 -19.93 -8.02
N PRO A 115 -8.09 -19.84 -9.30
CA PRO A 115 -6.82 -20.44 -9.72
C PRO A 115 -5.65 -19.71 -9.09
N THR A 116 -4.54 -20.41 -8.97
CA THR A 116 -3.40 -19.89 -8.23
C THR A 116 -2.09 -19.91 -9.03
N LEU A 117 -2.13 -20.24 -10.32
CA LEU A 117 -0.90 -20.25 -11.11
C LEU A 117 -0.27 -18.86 -11.16
N GLN A 118 -1.10 -17.82 -11.20
CA GLN A 118 -0.66 -16.45 -11.04
C GLN A 118 -1.19 -15.90 -9.72
N ASP A 119 -0.60 -14.80 -9.28
CA ASP A 119 -0.97 -14.23 -7.98
C ASP A 119 -2.23 -13.38 -8.09
N SER A 120 -2.99 -13.35 -7.00
CA SER A 120 -4.15 -12.48 -6.91
C SER A 120 -3.71 -11.05 -6.56
N SER A 121 -4.53 -10.08 -6.94
CA SER A 121 -4.10 -8.68 -6.85
C SER A 121 -3.73 -8.30 -5.42
N PRO A 122 -4.55 -8.58 -4.40
CA PRO A 122 -3.98 -8.78 -3.06
C PRO A 122 -3.63 -10.25 -2.92
N THR A 123 -2.38 -10.56 -2.63
CA THR A 123 -1.92 -11.94 -2.70
C THR A 123 -2.53 -12.79 -1.58
N LEU A 124 -2.70 -14.08 -1.86
CA LEU A 124 -3.07 -15.06 -0.85
C LEU A 124 -1.88 -15.53 -0.05
N ASN A 125 -0.67 -15.32 -0.55
CA ASN A 125 0.57 -15.77 0.09
C ASN A 125 0.91 -14.79 1.21
N ARG A 126 0.44 -15.10 2.42
CA ARG A 126 0.59 -14.20 3.55
C ARG A 126 0.34 -14.97 4.85
N PHE A 127 0.38 -14.25 5.96
CA PHE A 127 0.03 -14.80 7.25
C PHE A 127 -1.46 -14.65 7.51
N TYR A 128 -2.02 -15.56 8.30
CA TYR A 128 -3.42 -15.51 8.67
C TYR A 128 -3.56 -15.81 10.15
N GLY A 129 -4.55 -15.17 10.78
CA GLY A 129 -4.91 -15.47 12.14
C GLY A 129 -6.18 -16.32 12.19
N MET A 130 -6.24 -17.22 13.15
CA MET A 130 -7.40 -18.07 13.35
C MET A 130 -7.80 -18.07 14.82
N GLY A 131 -9.11 -17.99 15.08
CA GLY A 131 -9.63 -17.99 16.42
C GLY A 131 -10.81 -18.93 16.56
N ALA A 132 -11.14 -19.23 17.82
CA ALA A 132 -12.29 -20.07 18.14
C ALA A 132 -13.31 -19.23 18.88
N ASP A 133 -14.54 -19.16 18.35
CA ASP A 133 -15.63 -18.46 19.01
C ASP A 133 -16.01 -19.20 20.29
N VAL A 134 -15.36 -18.88 21.39
CA VAL A 134 -15.73 -19.49 22.66
C VAL A 134 -16.29 -18.44 23.59
N ARG A 135 -16.62 -18.87 24.80
CA ARG A 135 -17.42 -18.11 25.71
C ARG A 135 -16.56 -17.43 26.77
N GLY A 136 -15.29 -17.82 26.89
CA GLY A 136 -14.23 -17.01 27.47
C GLY A 136 -13.39 -16.32 26.41
N LYS A 137 -12.21 -15.85 26.82
CA LYS A 137 -11.34 -15.16 25.87
C LYS A 137 -10.96 -16.11 24.73
N ASP A 138 -11.34 -15.73 23.51
CA ASP A 138 -11.09 -16.56 22.34
C ASP A 138 -9.60 -16.89 22.22
N PRO A 139 -9.23 -18.16 22.12
CA PRO A 139 -7.85 -18.49 21.77
C PRO A 139 -7.57 -18.14 20.31
N ILE A 140 -6.42 -17.54 20.07
CA ILE A 140 -6.07 -17.04 18.75
C ILE A 140 -4.66 -17.53 18.39
N GLY A 141 -4.53 -18.11 17.20
CA GLY A 141 -3.23 -18.46 16.66
C GLY A 141 -3.08 -17.90 15.25
N PHE A 142 -1.90 -18.15 14.68
CA PHE A 142 -1.60 -17.69 13.34
C PHE A 142 -0.86 -18.78 12.57
N PHE A 143 -0.84 -18.63 11.24
CA PHE A 143 -0.13 -19.55 10.38
C PHE A 143 0.21 -18.85 9.08
N GLU A 144 1.09 -19.48 8.32
CA GLU A 144 1.56 -18.97 7.05
C GLU A 144 0.97 -19.79 5.91
N LEU A 145 0.32 -19.10 4.96
CA LEU A 145 -0.07 -19.72 3.71
C LEU A 145 1.05 -19.50 2.70
N HIS A 146 1.66 -20.58 2.25
CA HIS A 146 2.78 -20.51 1.33
C HIS A 146 2.39 -21.17 0.01
N LEU A 147 2.35 -20.37 -1.05
CA LEU A 147 2.09 -20.88 -2.39
C LEU A 147 3.41 -21.31 -3.03
N SER A 148 3.42 -22.52 -3.61
CA SER A 148 4.60 -23.00 -4.29
C SER A 148 4.90 -22.14 -5.52
N THR A 149 6.16 -22.17 -5.94
CA THR A 149 6.58 -21.47 -7.16
C THR A 149 7.43 -22.40 -8.00
N SER A 150 7.28 -22.28 -9.32
CA SER A 150 8.13 -23.00 -10.26
C SER A 150 8.53 -22.05 -11.37
N PRO A 151 9.80 -21.64 -11.43
CA PRO A 151 10.20 -20.65 -12.43
C PRO A 151 10.09 -21.19 -13.84
N SER A 152 9.55 -20.36 -14.73
CA SER A 152 9.33 -20.71 -16.12
C SER A 152 10.65 -20.85 -16.86
N LEU A 153 10.58 -21.43 -18.07
CA LEU A 153 11.78 -21.61 -18.87
C LEU A 153 12.35 -20.26 -19.33
N ILE A 154 11.49 -19.30 -19.64
CA ILE A 154 11.94 -18.01 -20.13
C ILE A 154 12.10 -17.05 -18.96
N SER A 155 11.99 -17.56 -17.74
CA SER A 155 12.19 -16.74 -16.56
C SER A 155 13.61 -16.19 -16.54
N PRO A 156 13.79 -14.88 -16.32
CA PRO A 156 15.12 -14.25 -16.28
C PRO A 156 15.76 -14.31 -14.89
N HIS B 3 -3.36 -4.17 13.28
CA HIS B 3 -2.56 -2.97 13.08
C HIS B 3 -1.27 -3.04 13.88
N LEU B 4 -0.37 -2.10 13.63
CA LEU B 4 0.86 -2.02 14.40
C LEU B 4 0.56 -1.53 15.81
N ILE B 5 1.19 -2.18 16.80
CA ILE B 5 1.10 -1.77 18.20
C ILE B 5 2.52 -1.63 18.72
N ILE B 6 2.83 -0.50 19.34
CA ILE B 6 4.13 -0.24 19.92
C ILE B 6 4.00 -0.42 21.43
N ASN B 7 4.58 -1.50 21.95
CA ASN B 7 4.73 -1.65 23.39
C ASN B 7 5.79 -0.70 23.89
N VAL B 8 5.42 0.20 24.79
CA VAL B 8 6.36 1.13 25.40
C VAL B 8 6.55 0.72 26.84
N THR B 9 7.76 0.38 27.26
CA THR B 9 7.94 0.07 28.70
C THR B 9 8.09 1.37 29.49
N ARG B 10 7.35 1.51 30.59
CA ARG B 10 7.35 2.74 31.45
C ARG B 10 8.68 2.93 32.19
N SER B 11 9.15 4.17 32.29
CA SER B 11 10.45 4.55 32.89
C SER B 11 10.36 5.88 33.64
N ASP B 12 11.25 6.19 34.60
CA ASP B 12 11.28 7.50 35.21
C ASP B 12 12.07 8.50 34.37
N SER B 13 12.47 8.10 33.17
CA SER B 13 13.34 8.85 32.27
C SER B 13 12.74 8.89 30.87
N PRO B 14 13.04 9.95 30.10
CA PRO B 14 12.55 10.01 28.73
C PRO B 14 13.11 8.86 27.89
N GLN B 15 12.40 8.54 26.82
CA GLN B 15 12.83 7.46 25.94
C GLN B 15 12.62 7.84 24.48
N THR B 16 13.15 6.99 23.60
CA THR B 16 13.11 7.18 22.16
C THR B 16 12.72 5.86 21.53
N ILE B 17 11.79 5.91 20.57
CA ILE B 17 11.30 4.71 19.89
C ILE B 17 11.55 4.86 18.40
N THR B 18 12.22 3.88 17.80
CA THR B 18 12.59 3.91 16.39
C THR B 18 11.94 2.76 15.66
N PHE B 19 11.26 3.06 14.56
CA PHE B 19 10.63 2.06 13.72
C PHE B 19 10.46 2.66 12.33
N ASP B 20 10.21 1.80 11.36
CA ASP B 20 10.00 2.27 9.99
C ASP B 20 8.56 2.73 9.80
N ALA B 21 8.40 3.89 9.18
CA ALA B 21 7.07 4.49 9.03
C ALA B 21 6.15 3.67 8.14
N CYS B 22 6.69 2.77 7.32
CA CYS B 22 5.82 1.99 6.45
C CYS B 22 5.20 0.79 7.16
N LEU B 23 5.56 0.54 8.42
CA LEU B 23 4.76 -0.35 9.26
C LEU B 23 3.42 0.28 9.60
N VAL B 24 3.28 1.58 9.41
CA VAL B 24 2.05 2.31 9.68
C VAL B 24 1.43 2.83 8.40
N ILE B 25 2.21 3.54 7.59
CA ILE B 25 1.75 4.19 6.36
C ILE B 25 1.60 3.13 5.26
N PRO B 26 0.54 3.17 4.46
CA PRO B 26 0.45 2.29 3.30
C PRO B 26 1.35 2.74 2.16
N CYS B 27 2.62 2.34 2.21
CA CYS B 27 3.60 2.86 1.26
C CYS B 27 3.59 2.12 -0.06
N GLY B 28 3.32 0.83 -0.04
CA GLY B 28 3.38 0.04 -1.26
C GLY B 28 4.69 -0.71 -1.39
N ASP B 29 5.11 -0.98 -2.62
CA ASP B 29 6.28 -1.80 -2.88
C ASP B 29 7.56 -1.02 -2.59
N LEU B 30 8.70 -1.69 -2.78
CA LEU B 30 9.98 -1.12 -2.41
C LEU B 30 10.27 0.17 -3.18
N GLN B 31 9.98 0.18 -4.48
CA GLN B 31 10.19 1.38 -5.30
C GLN B 31 9.48 2.59 -4.69
N SER B 32 8.23 2.42 -4.28
CA SER B 32 7.51 3.53 -3.67
C SER B 32 8.07 3.89 -2.32
N GLN B 33 8.49 2.89 -1.52
CA GLN B 33 9.08 3.17 -0.23
C GLN B 33 10.38 3.94 -0.36
N ARG B 34 11.12 3.73 -1.45
CA ARG B 34 12.36 4.45 -1.63
C ARG B 34 12.15 5.90 -2.05
N GLN B 35 11.04 6.20 -2.74
CA GLN B 35 10.78 7.59 -3.06
C GLN B 35 10.17 8.34 -1.89
N LEU B 36 9.51 7.64 -0.96
CA LEU B 36 9.03 8.26 0.26
C LEU B 36 10.15 8.51 1.27
N ALA B 37 11.36 8.00 1.00
CA ALA B 37 12.45 8.10 1.97
C ALA B 37 12.72 9.54 2.36
N ALA B 38 12.73 10.45 1.39
CA ALA B 38 12.99 11.86 1.64
C ALA B 38 11.72 12.64 2.00
N ALA B 39 10.56 11.99 1.98
CA ALA B 39 9.31 12.69 2.30
C ALA B 39 9.22 12.93 3.79
N GLU B 40 8.77 14.13 4.16
CA GLU B 40 8.49 14.42 5.56
C GLU B 40 7.27 13.61 6.02
N LYS B 41 7.22 13.34 7.32
CA LYS B 41 6.13 12.61 7.93
C LYS B 41 5.50 13.45 9.03
N TYR B 42 4.20 13.22 9.26
CA TYR B 42 3.47 13.93 10.29
C TYR B 42 2.68 12.94 11.14
N LEU B 43 2.34 13.36 12.35
CA LEU B 43 1.78 12.49 13.37
C LEU B 43 0.60 13.18 14.03
N CYS B 44 -0.53 12.49 14.09
CA CYS B 44 -1.76 13.07 14.64
C CYS B 44 -2.32 12.19 15.75
N PRO B 45 -2.33 12.67 16.99
CA PRO B 45 -3.02 11.94 18.05
C PRO B 45 -4.52 11.98 17.85
N SER B 46 -5.18 10.86 18.12
CA SER B 46 -6.60 10.75 17.88
C SER B 46 -7.33 10.32 19.14
N GLU B 47 -8.65 10.50 19.12
CA GLU B 47 -9.54 9.97 20.14
C GLU B 47 -10.34 8.78 19.61
N ALA B 48 -9.86 8.15 18.54
CA ALA B 48 -10.54 7.01 17.95
C ALA B 48 -10.55 5.83 18.93
N ASP B 49 -11.50 4.93 18.72
CA ASP B 49 -11.68 3.76 19.56
C ASP B 49 -11.56 2.50 18.71
N ALA B 50 -11.14 1.41 19.35
CA ALA B 50 -10.69 0.20 18.64
C ALA B 50 -11.78 -0.44 17.80
N SER B 51 -13.01 0.03 17.85
CA SER B 51 -14.11 -0.62 17.15
C SER B 51 -14.35 -0.07 15.75
N THR B 52 -13.85 1.12 15.45
CA THR B 52 -14.13 1.85 14.22
C THR B 52 -12.85 2.37 13.58
N LEU B 53 -11.80 1.55 13.55
CA LEU B 53 -10.48 2.07 13.20
C LEU B 53 -10.36 2.34 11.71
N PHE B 54 -10.79 1.39 10.87
CA PHE B 54 -10.47 1.47 9.45
C PHE B 54 -11.35 2.45 8.69
N SER B 55 -12.43 2.95 9.28
CA SER B 55 -13.19 4.04 8.71
C SER B 55 -13.02 5.34 9.48
N PHE B 56 -12.22 5.35 10.54
CA PHE B 56 -11.99 6.59 11.28
C PHE B 56 -11.11 7.52 10.45
N PRO B 57 -11.47 8.79 10.32
CA PRO B 57 -10.68 9.73 9.51
C PRO B 57 -9.43 10.26 10.21
N PHE B 58 -8.38 9.45 10.21
CA PHE B 58 -7.12 9.84 10.82
C PHE B 58 -6.48 10.99 10.05
N CYS B 59 -5.92 11.95 10.80
CA CYS B 59 -5.31 13.15 10.24
C CYS B 59 -6.26 13.82 9.24
N HIS B 60 -7.47 14.12 9.72
CA HIS B 60 -8.51 14.61 8.83
C HIS B 60 -8.12 15.95 8.21
N THR B 61 -7.76 16.92 9.03
CA THR B 61 -7.31 18.23 8.57
C THR B 61 -5.97 18.56 9.22
N TRP B 62 -5.42 19.72 8.84
CA TRP B 62 -4.17 20.17 9.44
C TRP B 62 -4.29 20.34 10.95
N GLU B 63 -5.50 20.63 11.44
CA GLU B 63 -5.68 20.92 12.86
C GLU B 63 -5.53 19.69 13.74
N TYR B 64 -5.58 18.50 13.16
CA TYR B 64 -5.32 17.28 13.91
C TYR B 64 -3.84 16.95 13.98
N VAL B 65 -3.01 17.57 13.14
CA VAL B 65 -1.58 17.35 13.17
C VAL B 65 -0.96 18.09 14.35
N VAL B 66 -0.08 17.42 15.07
CA VAL B 66 0.56 18.04 16.23
C VAL B 66 2.08 17.99 16.07
N TRP B 67 2.61 16.97 15.40
CA TRP B 67 4.05 16.83 15.20
C TRP B 67 4.35 16.53 13.74
N THR B 68 5.44 17.12 13.24
CA THR B 68 5.99 16.77 11.93
C THR B 68 7.50 16.60 12.06
N THR B 69 8.07 15.82 11.14
CA THR B 69 9.50 15.62 11.09
C THR B 69 10.24 16.77 10.42
N GLN B 70 9.53 17.81 10.00
CA GLN B 70 10.17 18.98 9.41
C GLN B 70 11.08 19.65 10.42
N ARG B 71 12.16 20.26 9.91
CA ARG B 71 13.09 20.96 10.78
C ARG B 71 12.50 22.24 11.34
N GLN B 72 11.54 22.83 10.65
CA GLN B 72 10.79 23.96 11.18
C GLN B 72 9.69 23.44 12.10
N ASP B 73 9.51 24.07 13.26
CA ASP B 73 8.57 23.56 14.24
C ASP B 73 7.13 23.79 13.78
N TRP B 74 6.28 22.81 14.07
CA TRP B 74 4.89 22.81 13.64
C TRP B 74 4.02 23.36 14.76
N VAL B 75 3.35 24.48 14.50
CA VAL B 75 2.44 25.10 15.45
C VAL B 75 1.10 24.39 15.39
N PRO B 76 0.69 23.69 16.45
CA PRO B 76 -0.60 22.99 16.41
C PRO B 76 -1.76 23.97 16.46
N SER B 77 -2.94 23.44 16.17
CA SER B 77 -4.17 24.19 16.38
C SER B 77 -4.56 24.10 17.85
N GLN B 78 -4.79 25.24 18.47
CA GLN B 78 -5.29 25.22 19.83
C GLN B 78 -6.80 24.95 19.87
N ASP B 79 -7.44 24.84 18.72
CA ASP B 79 -8.81 24.32 18.64
C ASP B 79 -8.85 22.80 18.77
N PHE B 80 -7.71 22.12 18.68
CA PHE B 80 -7.66 20.67 18.80
C PHE B 80 -7.28 20.30 20.22
N PRO B 81 -8.15 19.66 20.99
CA PRO B 81 -7.87 19.46 22.42
C PRO B 81 -6.65 18.60 22.70
N LEU B 82 -6.32 17.66 21.81
CA LEU B 82 -5.14 16.84 22.01
C LEU B 82 -3.84 17.53 21.60
N ALA B 83 -3.91 18.79 21.16
CA ALA B 83 -2.70 19.53 20.83
C ALA B 83 -1.84 19.79 22.06
N VAL B 84 -2.43 19.77 23.26
CA VAL B 84 -1.64 19.96 24.47
C VAL B 84 -0.69 18.81 24.72
N LEU B 85 -0.78 17.73 23.95
CA LEU B 85 0.19 16.64 24.04
C LEU B 85 1.54 17.00 23.44
N LYS B 86 1.65 18.13 22.73
CA LYS B 86 2.83 18.42 21.93
C LYS B 86 4.15 18.36 22.69
N PRO B 87 4.31 18.99 23.86
CA PRO B 87 5.62 18.96 24.52
C PRO B 87 6.05 17.58 24.99
N TYR B 88 5.14 16.60 25.02
CA TYR B 88 5.48 15.26 25.49
C TYR B 88 6.19 14.42 24.44
N ILE B 89 6.20 14.85 23.17
CA ILE B 89 6.69 14.01 22.08
C ILE B 89 7.49 14.87 21.10
N HIS B 90 8.60 14.32 20.62
CA HIS B 90 9.35 14.87 19.51
C HIS B 90 9.37 13.83 18.39
N PHE B 91 8.94 14.23 17.20
CA PHE B 91 8.83 13.33 16.05
C PHE B 91 9.87 13.76 15.02
N THR B 92 10.81 12.85 14.72
CA THR B 92 11.91 13.15 13.82
C THR B 92 12.03 12.06 12.76
N LYS B 93 12.81 12.38 11.73
CA LYS B 93 13.01 11.52 10.56
C LYS B 93 14.47 11.09 10.52
N GLY B 94 14.70 9.80 10.30
CA GLY B 94 16.02 9.31 9.98
C GLY B 94 16.26 9.30 8.48
N ILE B 95 17.45 8.87 8.10
CA ILE B 95 17.77 8.67 6.70
C ILE B 95 18.40 7.29 6.55
N ALA B 96 18.03 6.60 5.49
CA ALA B 96 18.49 5.25 5.19
C ALA B 96 19.46 5.27 4.02
N PRO B 97 20.28 4.23 3.87
CA PRO B 97 21.19 4.17 2.73
C PRO B 97 20.41 4.08 1.43
N PRO B 98 21.01 4.51 0.31
CA PRO B 98 20.32 4.37 -0.99
C PRO B 98 20.03 2.92 -1.35
N ASN B 99 20.64 1.98 -0.66
CA ASN B 99 20.44 0.55 -0.84
C ASN B 99 19.33 -0.01 0.04
N CYS B 100 18.41 0.84 0.51
CA CYS B 100 17.48 0.41 1.54
C CYS B 100 16.57 -0.69 1.01
N ARG B 101 16.23 -1.62 1.91
CA ARG B 101 15.39 -2.76 1.61
C ARG B 101 13.99 -2.56 2.16
N TYR B 102 13.13 -3.55 1.92
CA TYR B 102 11.72 -3.44 2.24
C TYR B 102 11.49 -3.15 3.71
N ASN B 103 10.59 -2.22 3.99
CA ASN B 103 10.24 -1.81 5.35
C ASN B 103 11.44 -1.28 6.13
N GLN B 104 12.46 -0.78 5.42
CA GLN B 104 13.66 -0.24 6.06
C GLN B 104 14.13 1.02 5.34
N CYS B 105 13.23 1.73 4.66
CA CYS B 105 13.58 2.93 3.93
C CYS B 105 13.09 4.21 4.59
N ASN B 106 12.22 4.12 5.59
CA ASN B 106 11.56 5.28 6.17
C ASN B 106 11.68 5.30 7.69
N PRO B 107 12.91 5.42 8.21
CA PRO B 107 13.09 5.43 9.67
C PRO B 107 12.51 6.71 10.27
N VAL B 108 11.75 6.54 11.36
CA VAL B 108 11.21 7.66 12.12
C VAL B 108 11.44 7.39 13.59
N GLN B 109 11.55 8.47 14.37
CA GLN B 109 11.83 8.38 15.81
C GLN B 109 10.76 9.15 16.57
N ILE B 110 10.17 8.49 17.56
CA ILE B 110 9.24 9.12 18.49
C ILE B 110 9.94 9.22 19.84
N SER B 111 10.20 10.44 20.29
CA SER B 111 10.90 10.69 21.53
C SER B 111 9.88 11.11 22.59
N ILE B 112 9.63 10.22 23.55
CA ILE B 112 8.83 10.58 24.72
C ILE B 112 9.72 11.43 25.62
N THR B 113 9.38 12.69 25.81
CA THR B 113 10.22 13.60 26.57
C THR B 113 9.91 13.62 28.05
N ILE B 114 8.85 12.94 28.49
CA ILE B 114 8.42 12.98 29.90
C ILE B 114 8.63 11.62 30.55
N PRO B 115 8.72 11.56 31.87
CA PRO B 115 8.65 10.25 32.54
C PRO B 115 7.30 9.59 32.28
N THR B 116 7.29 8.26 32.37
CA THR B 116 6.08 7.53 32.06
C THR B 116 5.70 6.52 33.13
N LEU B 117 6.29 6.54 34.32
CA LEU B 117 5.82 5.64 35.37
C LEU B 117 4.35 5.88 35.70
N GLN B 118 3.91 7.13 35.63
CA GLN B 118 2.51 7.50 35.79
C GLN B 118 1.96 7.97 34.44
N ASP B 119 0.63 8.11 34.39
CA ASP B 119 -0.02 8.58 33.19
C ASP B 119 0.04 10.09 33.10
N SER B 120 0.27 10.59 31.88
CA SER B 120 0.12 12.02 31.61
C SER B 120 -1.35 12.38 31.46
N SER B 121 -1.64 13.67 31.42
CA SER B 121 -3.00 14.17 31.27
C SER B 121 -3.06 15.16 30.12
N PRO B 122 -3.64 14.79 28.96
CA PRO B 122 -4.21 13.46 28.70
C PRO B 122 -3.13 12.40 28.50
N THR B 123 -3.55 11.14 28.42
CA THR B 123 -2.60 10.04 28.33
C THR B 123 -1.99 9.93 26.94
N LEU B 124 -0.74 9.44 26.91
CA LEU B 124 -0.07 9.07 25.65
C LEU B 124 -0.61 7.79 25.06
N ASN B 125 -1.41 7.04 25.82
CA ASN B 125 -1.88 5.71 25.47
C ASN B 125 -3.14 5.85 24.63
N ARG B 126 -2.99 5.79 23.30
CA ARG B 126 -4.10 6.06 22.39
C ARG B 126 -3.68 5.65 20.97
N PHE B 127 -4.58 5.90 20.02
CA PHE B 127 -4.29 5.69 18.61
C PHE B 127 -3.72 6.96 17.99
N TYR B 128 -2.82 6.77 17.03
CA TYR B 128 -2.17 7.86 16.33
C TYR B 128 -2.25 7.61 14.84
N GLY B 129 -2.51 8.68 14.08
CA GLY B 129 -2.41 8.63 12.64
C GLY B 129 -1.05 9.15 12.20
N MET B 130 -0.58 8.63 11.07
CA MET B 130 0.69 9.06 10.49
C MET B 130 0.56 9.14 8.98
N GLY B 131 1.08 10.22 8.40
CA GLY B 131 1.01 10.43 6.97
C GLY B 131 2.35 10.84 6.39
N ALA B 132 2.43 10.77 5.07
CA ALA B 132 3.62 11.15 4.31
C ALA B 132 3.30 12.38 3.48
N ASP B 133 4.11 13.43 3.65
CA ASP B 133 3.97 14.68 2.92
C ASP B 133 4.40 14.46 1.47
N VAL B 134 3.43 14.39 0.55
CA VAL B 134 3.66 13.86 -0.79
C VAL B 134 2.87 14.66 -1.82
N ARG B 135 3.45 14.80 -3.01
CA ARG B 135 2.79 15.53 -4.10
C ARG B 135 1.43 14.95 -4.43
N GLY B 136 1.32 13.62 -4.48
CA GLY B 136 0.04 12.98 -4.66
C GLY B 136 -0.78 13.00 -3.39
N LYS B 137 -1.81 12.17 -3.37
CA LYS B 137 -2.61 11.97 -2.17
C LYS B 137 -1.73 11.39 -1.07
N ASP B 138 -1.69 12.09 0.07
CA ASP B 138 -0.87 11.64 1.19
C ASP B 138 -1.36 10.27 1.67
N PRO B 139 -0.51 9.25 1.68
CA PRO B 139 -0.89 7.99 2.32
C PRO B 139 -0.90 8.14 3.83
N ILE B 140 -1.92 7.57 4.48
CA ILE B 140 -2.14 7.75 5.90
C ILE B 140 -2.45 6.39 6.54
N GLY B 141 -1.75 6.07 7.63
CA GLY B 141 -2.04 4.87 8.40
C GLY B 141 -2.21 5.18 9.88
N PHE B 142 -2.33 4.14 10.71
CA PHE B 142 -2.55 4.35 12.14
C PHE B 142 -1.88 3.24 12.93
N PHE B 143 -1.73 3.48 14.23
CA PHE B 143 -1.13 2.50 15.13
C PHE B 143 -1.51 2.83 16.57
N GLU B 144 -1.31 1.85 17.45
CA GLU B 144 -1.46 2.02 18.89
C GLU B 144 -0.11 2.33 19.52
N LEU B 145 -0.11 3.29 20.44
CA LEU B 145 0.99 3.47 21.38
C LEU B 145 0.47 2.94 22.71
N HIS B 146 0.92 1.75 23.10
CA HIS B 146 0.45 1.12 24.32
C HIS B 146 1.58 1.10 25.34
N LEU B 147 1.43 1.95 26.35
CA LEU B 147 2.39 1.96 27.43
C LEU B 147 2.18 0.75 28.34
N SER B 148 3.27 0.06 28.68
CA SER B 148 3.21 -1.13 29.52
C SER B 148 2.47 -0.86 30.82
N THR B 149 1.98 -1.91 31.48
CA THR B 149 1.48 -1.77 32.84
C THR B 149 2.00 -2.91 33.69
N SER B 150 2.24 -2.58 34.96
CA SER B 150 2.70 -3.53 35.95
C SER B 150 1.89 -3.29 37.21
N PRO B 151 0.88 -4.11 37.49
CA PRO B 151 0.10 -3.92 38.71
C PRO B 151 0.97 -4.09 39.94
N SER B 152 0.78 -3.19 40.90
CA SER B 152 1.62 -3.17 42.10
C SER B 152 1.07 -4.11 43.17
N LEU B 153 1.96 -4.51 44.08
CA LEU B 153 1.54 -5.31 45.22
C LEU B 153 0.37 -4.66 45.96
N ILE B 154 0.34 -3.33 45.99
CA ILE B 154 -0.63 -2.58 46.77
C ILE B 154 -1.97 -2.45 46.04
N SER B 155 -1.99 -2.66 44.73
CA SER B 155 -3.20 -2.50 43.95
C SER B 155 -4.36 -3.25 44.61
N PRO B 156 -5.47 -2.59 44.90
CA PRO B 156 -6.57 -3.25 45.63
C PRO B 156 -7.20 -4.40 44.88
N ARG B 157 -6.30 -5.21 44.31
CA ARG B 157 -6.60 -6.41 43.50
C ARG B 157 -6.32 -7.66 44.32
N LEU B 158 -6.17 -7.52 45.65
CA LEU B 158 -6.09 -8.76 46.47
C LEU B 158 -7.50 -8.94 47.03
N SER B 159 -8.17 -10.05 46.64
CA SER B 159 -9.59 -10.38 46.99
C SER B 159 -9.71 -11.49 48.03
N GLY B 160 -10.97 -11.82 48.39
CA GLY B 160 -11.29 -12.92 49.32
C GLY B 160 -10.85 -14.27 48.78
N ALA B 161 -11.16 -14.53 47.49
CA ALA B 161 -10.73 -15.69 46.74
C ALA B 161 -9.35 -15.45 46.12
N TYR B 162 -8.71 -16.55 45.70
CA TYR B 162 -7.44 -16.46 44.99
C TYR B 162 -7.21 -17.74 44.18
N PRO B 163 -6.90 -17.60 42.87
CA PRO B 163 -6.67 -18.80 42.03
C PRO B 163 -5.25 -19.03 41.53
N TYR B 164 -4.81 -20.29 41.55
CA TYR B 164 -3.59 -20.75 40.90
C TYR B 164 -3.99 -21.71 39.78
N ASP B 165 -3.53 -21.44 38.57
CA ASP B 165 -3.80 -22.32 37.43
C ASP B 165 -2.52 -22.94 36.89
N HIS C 3 -3.84 22.45 -27.15
CA HIS C 3 -3.23 21.14 -27.30
C HIS C 3 -3.78 20.16 -26.27
N LEU C 4 -3.60 18.87 -26.54
CA LEU C 4 -4.10 17.83 -25.66
C LEU C 4 -3.25 17.75 -24.39
N ILE C 5 -3.91 17.60 -23.25
CA ILE C 5 -3.22 17.39 -21.98
C ILE C 5 -3.74 16.11 -21.35
N ILE C 6 -2.85 15.12 -21.23
CA ILE C 6 -3.17 13.85 -20.60
C ILE C 6 -3.04 14.03 -19.09
N ASN C 7 -4.14 13.90 -18.37
CA ASN C 7 -4.16 14.10 -16.93
C ASN C 7 -3.97 12.76 -16.23
N VAL C 8 -2.87 12.62 -15.51
CA VAL C 8 -2.47 11.36 -14.88
C VAL C 8 -2.58 11.49 -13.36
N THR C 9 -3.24 10.52 -12.74
CA THR C 9 -3.39 10.48 -11.30
C THR C 9 -2.16 9.84 -10.66
N ARG C 10 -1.60 10.52 -9.66
CA ARG C 10 -0.42 9.98 -8.99
C ARG C 10 -0.79 8.74 -8.18
N SER C 11 0.13 7.79 -8.13
CA SER C 11 -0.12 6.50 -7.50
C SER C 11 1.19 5.89 -7.04
N ASP C 12 1.12 5.03 -6.03
CA ASP C 12 2.29 4.31 -5.55
C ASP C 12 2.64 3.11 -6.42
N SER C 13 1.83 2.80 -7.41
CA SER C 13 2.05 1.70 -8.32
C SER C 13 2.33 2.20 -9.74
N PRO C 14 2.97 1.40 -10.58
CA PRO C 14 3.05 1.75 -12.00
C PRO C 14 1.67 1.75 -12.63
N GLN C 15 1.56 2.44 -13.76
CA GLN C 15 0.28 2.56 -14.45
C GLN C 15 0.51 2.66 -15.95
N THR C 16 -0.54 2.37 -16.70
CA THR C 16 -0.50 2.44 -18.16
C THR C 16 -1.64 3.32 -18.64
N ILE C 17 -1.33 4.22 -19.56
CA ILE C 17 -2.33 5.09 -20.18
C ILE C 17 -2.54 4.64 -21.62
N THR C 18 -3.80 4.59 -22.03
CA THR C 18 -4.15 4.21 -23.40
C THR C 18 -4.95 5.33 -24.03
N PHE C 19 -4.56 5.68 -25.26
CA PHE C 19 -5.24 6.69 -26.05
C PHE C 19 -4.79 6.46 -27.49
N ASP C 20 -5.43 7.17 -28.42
CA ASP C 20 -5.10 7.03 -29.82
C ASP C 20 -4.13 8.13 -30.24
N ALA C 21 -3.10 7.76 -31.00
CA ALA C 21 -1.98 8.65 -31.26
C ALA C 21 -2.37 9.87 -32.09
N CYS C 22 -3.45 9.78 -32.88
CA CYS C 22 -3.82 10.90 -33.72
C CYS C 22 -4.52 12.02 -32.95
N LEU C 23 -4.95 11.76 -31.72
CA LEU C 23 -5.26 12.86 -30.81
C LEU C 23 -4.08 13.79 -30.64
N VAL C 24 -2.87 13.28 -30.87
CA VAL C 24 -1.64 14.06 -30.81
C VAL C 24 -1.07 14.27 -32.20
N ILE C 25 -0.87 13.18 -32.95
CA ILE C 25 -0.24 13.24 -34.26
C ILE C 25 -1.23 13.79 -35.28
N PRO C 26 -0.85 14.76 -36.11
CA PRO C 26 -1.76 15.22 -37.17
C PRO C 26 -1.91 14.18 -38.26
N CYS C 27 -2.89 13.28 -38.10
CA CYS C 27 -3.06 12.16 -39.01
C CYS C 27 -3.94 12.49 -40.21
N GLY C 28 -4.38 13.73 -40.36
CA GLY C 28 -5.24 14.09 -41.47
C GLY C 28 -6.68 13.71 -41.24
N ASP C 29 -7.18 12.74 -42.01
CA ASP C 29 -8.58 12.34 -41.93
C ASP C 29 -8.70 10.83 -41.74
N LEU C 30 -9.93 10.32 -41.84
CA LEU C 30 -10.22 8.92 -41.53
C LEU C 30 -9.29 7.97 -42.28
N GLN C 31 -9.18 8.13 -43.59
CA GLN C 31 -8.50 7.09 -44.36
C GLN C 31 -6.99 7.22 -44.31
N SER C 32 -6.45 8.41 -44.06
CA SER C 32 -5.03 8.49 -43.74
C SER C 32 -4.74 7.81 -42.41
N GLN C 33 -5.71 7.81 -41.49
CA GLN C 33 -5.47 7.27 -40.16
C GLN C 33 -5.27 5.76 -40.18
N ARG C 34 -5.94 5.04 -41.09
CA ARG C 34 -5.79 3.59 -41.10
C ARG C 34 -4.55 3.14 -41.87
N GLN C 35 -4.07 3.93 -42.83
CA GLN C 35 -2.77 3.60 -43.41
C GLN C 35 -1.64 3.91 -42.44
N LEU C 36 -1.88 4.80 -41.49
CA LEU C 36 -0.95 4.99 -40.37
C LEU C 36 -1.19 3.98 -39.25
N ALA C 37 -2.24 3.17 -39.33
CA ALA C 37 -2.53 2.21 -38.27
C ALA C 37 -1.37 1.24 -38.08
N ALA C 38 -0.83 0.70 -39.17
CA ALA C 38 0.28 -0.22 -39.10
C ALA C 38 1.62 0.47 -38.84
N ALA C 39 1.68 1.79 -38.89
CA ALA C 39 2.94 2.51 -38.74
C ALA C 39 3.37 2.53 -37.29
N GLU C 40 4.67 2.31 -37.05
CA GLU C 40 5.22 2.47 -35.71
C GLU C 40 5.19 3.95 -35.31
N LYS C 41 5.11 4.18 -34.01
CA LYS C 41 5.10 5.53 -33.46
C LYS C 41 6.32 5.74 -32.58
N TYR C 42 6.67 7.00 -32.37
CA TYR C 42 7.86 7.33 -31.59
C TYR C 42 7.58 8.56 -30.73
N LEU C 43 8.24 8.62 -29.58
CA LEU C 43 7.94 9.58 -28.53
C LEU C 43 9.20 10.30 -28.07
N CYS C 44 9.11 11.63 -27.92
CA CYS C 44 10.23 12.45 -27.50
C CYS C 44 9.84 13.34 -26.33
N PRO C 45 10.53 13.27 -25.20
CA PRO C 45 10.30 14.24 -24.12
C PRO C 45 10.97 15.57 -24.45
N SER C 46 10.28 16.65 -24.14
CA SER C 46 10.73 17.99 -24.51
C SER C 46 11.01 18.85 -23.28
N GLU C 47 12.01 19.71 -23.41
CA GLU C 47 12.30 20.73 -22.41
C GLU C 47 11.52 22.01 -22.64
N ALA C 48 10.56 22.00 -23.58
CA ALA C 48 9.81 23.20 -23.94
C ALA C 48 9.19 23.84 -22.71
N ASP C 49 9.49 25.13 -22.53
CA ASP C 49 9.08 25.95 -21.35
C ASP C 49 7.56 26.13 -21.28
N ALA C 50 6.89 26.09 -22.43
CA ALA C 50 5.45 26.28 -22.77
C ALA C 50 5.21 27.75 -23.15
N SER C 51 6.15 28.61 -22.77
CA SER C 51 6.19 29.99 -23.31
C SER C 51 6.56 29.71 -24.77
N THR C 52 7.50 28.78 -24.95
CA THR C 52 7.90 28.46 -26.31
C THR C 52 7.07 27.34 -26.87
N LEU C 53 5.79 27.33 -26.59
CA LEU C 53 4.95 26.32 -27.22
C LEU C 53 5.26 26.22 -28.73
N PHE C 54 5.73 27.31 -29.34
CA PHE C 54 5.89 27.30 -30.83
C PHE C 54 7.32 27.35 -31.39
N SER C 55 8.21 28.21 -30.91
CA SER C 55 9.51 28.38 -31.62
C SER C 55 10.34 27.09 -31.72
N PHE C 56 10.43 26.28 -30.67
CA PHE C 56 11.29 25.09 -30.81
C PHE C 56 10.46 23.85 -31.12
N PRO C 57 10.75 23.15 -32.24
CA PRO C 57 9.91 22.02 -32.66
C PRO C 57 10.15 20.76 -31.85
N PHE C 58 9.14 19.90 -31.87
CA PHE C 58 9.18 18.63 -31.16
C PHE C 58 9.76 17.53 -32.05
N CYS C 59 10.47 16.60 -31.42
CA CYS C 59 11.17 15.51 -32.12
C CYS C 59 11.94 16.04 -33.32
N HIS C 60 12.75 17.07 -33.09
CA HIS C 60 13.44 17.71 -34.20
C HIS C 60 14.44 16.77 -34.86
N THR C 61 15.46 16.36 -34.12
CA THR C 61 16.45 15.41 -34.60
C THR C 61 16.12 14.02 -34.07
N TRP C 62 16.72 13.01 -34.69
CA TRP C 62 16.60 11.65 -34.17
C TRP C 62 17.07 11.57 -32.72
N GLU C 63 18.00 12.44 -32.33
CA GLU C 63 18.54 12.42 -30.98
C GLU C 63 17.52 12.80 -29.92
N TYR C 64 16.41 13.41 -30.31
CA TYR C 64 15.37 13.75 -29.34
C TYR C 64 14.42 12.58 -29.06
N VAL C 65 14.47 11.52 -29.87
CA VAL C 65 13.63 10.35 -29.65
C VAL C 65 14.20 9.51 -28.51
N VAL C 66 13.31 9.02 -27.65
CA VAL C 66 13.72 8.23 -26.49
C VAL C 66 13.00 6.89 -26.49
N TRP C 67 11.74 6.87 -26.94
CA TRP C 67 10.96 5.64 -27.02
C TRP C 67 10.39 5.46 -28.41
N THR C 68 10.27 4.20 -28.84
CA THR C 68 9.52 3.86 -30.05
C THR C 68 8.66 2.64 -29.77
N THR C 69 7.54 2.54 -30.50
CA THR C 69 6.72 1.35 -30.40
C THR C 69 7.35 0.13 -31.08
N GLN C 70 8.50 0.32 -31.74
CA GLN C 70 9.24 -0.80 -32.29
C GLN C 70 9.53 -1.83 -31.20
N ARG C 71 9.53 -3.10 -31.59
CA ARG C 71 9.84 -4.20 -30.69
C ARG C 71 11.34 -4.51 -30.66
N GLN C 72 12.15 -3.74 -31.37
CA GLN C 72 13.59 -3.69 -31.15
C GLN C 72 13.89 -2.39 -30.40
N ASP C 73 14.57 -2.50 -29.26
CA ASP C 73 14.62 -1.39 -28.33
C ASP C 73 15.44 -0.23 -28.88
N TRP C 74 14.93 0.98 -28.63
CA TRP C 74 15.57 2.21 -29.07
C TRP C 74 16.54 2.70 -28.00
N VAL C 75 17.80 2.88 -28.38
CA VAL C 75 18.83 3.41 -27.49
C VAL C 75 18.94 4.91 -27.75
N PRO C 76 18.74 5.76 -26.75
CA PRO C 76 18.70 7.20 -26.99
C PRO C 76 20.10 7.82 -27.01
N SER C 77 20.14 9.07 -27.50
CA SER C 77 21.39 9.81 -27.57
C SER C 77 21.82 10.23 -26.16
N GLN C 78 23.07 9.94 -25.82
CA GLN C 78 23.60 10.34 -24.52
C GLN C 78 23.99 11.81 -24.47
N ASP C 79 23.79 12.55 -25.56
CA ASP C 79 23.94 13.99 -25.57
C ASP C 79 22.61 14.72 -25.43
N PHE C 80 21.51 13.97 -25.24
CA PHE C 80 20.21 14.56 -25.02
C PHE C 80 19.87 14.49 -23.53
N PRO C 81 19.67 15.61 -22.85
CA PRO C 81 19.52 15.57 -21.39
C PRO C 81 18.32 14.79 -20.91
N LEU C 82 17.26 14.67 -21.72
CA LEU C 82 16.06 13.96 -21.30
C LEU C 82 16.08 12.49 -21.66
N ALA C 83 17.21 11.99 -22.19
CA ALA C 83 17.36 10.55 -22.40
C ALA C 83 17.40 9.79 -21.09
N VAL C 84 17.58 10.49 -19.97
CA VAL C 84 17.58 9.89 -18.65
C VAL C 84 16.29 9.12 -18.37
N LEU C 85 15.21 9.45 -19.09
CA LEU C 85 13.88 9.01 -18.72
C LEU C 85 13.46 7.67 -19.32
N LYS C 86 14.24 7.09 -20.25
CA LYS C 86 13.77 5.89 -20.92
C LYS C 86 13.43 4.72 -19.99
N PRO C 87 14.11 4.50 -18.86
CA PRO C 87 13.62 3.46 -17.94
C PRO C 87 12.26 3.76 -17.33
N TYR C 88 11.84 5.03 -17.33
CA TYR C 88 10.59 5.40 -16.66
C TYR C 88 9.34 5.10 -17.48
N ILE C 89 9.47 4.95 -18.80
CA ILE C 89 8.32 4.84 -19.68
C ILE C 89 8.55 3.70 -20.67
N HIS C 90 7.51 2.90 -20.90
CA HIS C 90 7.50 1.90 -21.95
C HIS C 90 6.38 2.26 -22.92
N PHE C 91 6.75 2.58 -24.16
CA PHE C 91 5.82 3.04 -25.18
C PHE C 91 5.56 1.93 -26.17
N THR C 92 4.30 1.54 -26.32
CA THR C 92 3.91 0.48 -27.24
C THR C 92 2.67 0.89 -28.01
N LYS C 93 2.46 0.22 -29.14
CA LYS C 93 1.27 0.39 -29.95
C LYS C 93 0.44 -0.89 -29.91
N GLY C 94 -0.87 -0.73 -29.84
CA GLY C 94 -1.79 -1.85 -29.97
C GLY C 94 -2.71 -1.63 -31.15
N ILE C 95 -2.55 -2.41 -32.20
CA ILE C 95 -3.23 -2.11 -33.46
C ILE C 95 -4.70 -2.55 -33.38
N ALA C 96 -5.54 -1.80 -34.07
CA ALA C 96 -7.00 -1.86 -33.95
C ALA C 96 -7.57 -2.93 -34.86
N PRO C 97 -8.87 -3.22 -34.73
CA PRO C 97 -9.52 -4.17 -35.66
C PRO C 97 -9.52 -3.65 -37.08
N PRO C 98 -9.81 -4.50 -38.07
CA PRO C 98 -9.72 -4.07 -39.47
C PRO C 98 -10.61 -2.89 -39.83
N ASN C 99 -11.78 -2.74 -39.18
CA ASN C 99 -12.66 -1.65 -39.55
C ASN C 99 -12.88 -0.70 -38.36
N CYS C 100 -11.80 -0.04 -37.95
CA CYS C 100 -11.85 1.03 -36.98
C CYS C 100 -12.51 2.27 -37.59
N ARG C 101 -12.68 3.30 -36.76
CA ARG C 101 -13.19 4.58 -37.24
C ARG C 101 -12.32 5.71 -36.70
N TYR C 102 -12.84 6.93 -36.80
CA TYR C 102 -12.06 8.14 -36.61
C TYR C 102 -11.46 8.21 -35.21
N ASN C 103 -10.16 8.51 -35.14
CA ASN C 103 -9.42 8.58 -33.89
C ASN C 103 -9.60 7.31 -33.05
N GLN C 104 -9.65 6.17 -33.75
CA GLN C 104 -9.76 4.87 -33.11
C GLN C 104 -8.87 3.82 -33.80
N CYS C 105 -8.03 4.23 -34.76
CA CYS C 105 -7.19 3.30 -35.50
C CYS C 105 -5.75 3.27 -35.05
N ASN C 106 -5.31 4.22 -34.21
CA ASN C 106 -3.91 4.31 -33.79
C ASN C 106 -3.75 4.34 -32.27
N PRO C 107 -4.33 3.39 -31.54
CA PRO C 107 -4.21 3.44 -30.08
C PRO C 107 -2.82 3.05 -29.64
N VAL C 108 -2.17 3.93 -28.89
CA VAL C 108 -0.83 3.68 -28.36
C VAL C 108 -0.92 3.56 -26.85
N GLN C 109 0.16 3.03 -26.26
CA GLN C 109 0.20 2.73 -24.84
C GLN C 109 1.42 3.39 -24.23
N ILE C 110 1.19 4.24 -23.22
CA ILE C 110 2.27 4.81 -22.42
C ILE C 110 2.18 4.17 -21.04
N SER C 111 3.18 3.33 -20.73
CA SER C 111 3.23 2.62 -19.45
C SER C 111 4.30 3.27 -18.58
N ILE C 112 3.86 3.89 -17.49
CA ILE C 112 4.77 4.50 -16.52
C ILE C 112 5.23 3.40 -15.55
N THR C 113 6.53 3.15 -15.53
CA THR C 113 7.12 2.04 -14.80
C THR C 113 7.54 2.40 -13.37
N ILE C 114 7.34 3.64 -12.95
CA ILE C 114 7.79 4.06 -11.62
C ILE C 114 6.59 4.58 -10.82
N PRO C 115 6.61 4.50 -9.50
CA PRO C 115 5.57 5.16 -8.70
C PRO C 115 5.60 6.66 -8.92
N THR C 116 4.43 7.28 -8.83
CA THR C 116 4.29 8.70 -9.16
C THR C 116 3.79 9.56 -8.01
N LEU C 117 3.75 9.03 -6.78
CA LEU C 117 3.37 9.88 -5.66
C LEU C 117 4.31 11.07 -5.52
N GLN C 118 5.59 10.86 -5.80
CA GLN C 118 6.58 11.91 -5.85
C GLN C 118 7.12 12.03 -7.27
N ASP C 119 7.83 13.12 -7.54
CA ASP C 119 8.31 13.40 -8.88
C ASP C 119 9.63 12.68 -9.16
N SER C 120 9.75 12.14 -10.37
CA SER C 120 11.01 11.53 -10.81
C SER C 120 12.11 12.58 -10.86
N SER C 121 13.34 12.15 -10.58
CA SER C 121 14.46 13.09 -10.48
C SER C 121 14.58 13.98 -11.71
N PRO C 122 14.56 13.46 -12.94
CA PRO C 122 14.02 14.25 -14.04
C PRO C 122 12.51 14.03 -14.11
N THR C 123 11.73 15.09 -13.99
CA THR C 123 10.29 14.93 -13.83
C THR C 123 9.63 14.44 -15.12
N LEU C 124 8.49 13.78 -14.96
CA LEU C 124 7.67 13.35 -16.09
C LEU C 124 6.66 14.39 -16.51
N ASN C 125 6.38 15.38 -15.66
CA ASN C 125 5.55 16.52 -16.03
C ASN C 125 6.29 17.37 -17.04
N ARG C 126 5.91 17.27 -18.31
CA ARG C 126 6.56 18.05 -19.37
C ARG C 126 5.75 17.88 -20.65
N PHE C 127 6.27 18.46 -21.73
CA PHE C 127 5.72 18.26 -23.06
C PHE C 127 6.37 17.07 -23.72
N TYR C 128 5.63 16.42 -24.62
CA TYR C 128 6.13 15.27 -25.36
C TYR C 128 5.76 15.41 -26.82
N GLY C 129 6.72 15.14 -27.70
CA GLY C 129 6.44 15.01 -29.10
C GLY C 129 6.15 13.56 -29.46
N MET C 130 5.28 13.37 -30.45
CA MET C 130 4.94 12.04 -30.95
C MET C 130 4.86 12.09 -32.46
N GLY C 131 5.46 11.09 -33.09
CA GLY C 131 5.48 11.02 -34.54
C GLY C 131 5.25 9.61 -35.04
N ALA C 132 4.86 9.52 -36.31
CA ALA C 132 4.61 8.25 -36.97
C ALA C 132 5.69 8.01 -38.03
N ASP C 133 6.23 6.80 -38.06
CA ASP C 133 7.23 6.42 -39.05
C ASP C 133 6.50 6.09 -40.35
N VAL C 134 6.43 7.07 -41.25
CA VAL C 134 5.82 6.87 -42.56
C VAL C 134 6.87 7.13 -43.63
N ARG C 135 6.52 6.74 -44.86
CA ARG C 135 7.43 6.85 -45.99
C ARG C 135 7.58 8.28 -46.46
N GLY C 136 6.52 9.07 -46.39
CA GLY C 136 6.61 10.51 -46.57
C GLY C 136 7.07 11.18 -45.29
N LYS C 137 6.93 12.51 -45.28
CA LYS C 137 7.33 13.29 -44.12
C LYS C 137 6.47 12.94 -42.91
N ASP C 138 7.13 12.61 -41.80
CA ASP C 138 6.42 12.16 -40.62
C ASP C 138 5.50 13.25 -40.08
N PRO C 139 4.24 12.95 -39.79
CA PRO C 139 3.43 13.87 -38.99
C PRO C 139 3.86 13.77 -37.53
N ILE C 140 4.11 14.91 -36.91
CA ILE C 140 4.52 14.96 -35.51
C ILE C 140 3.66 15.97 -34.78
N GLY C 141 2.99 15.53 -33.72
CA GLY C 141 2.23 16.42 -32.86
C GLY C 141 2.83 16.48 -31.48
N PHE C 142 2.08 17.01 -30.52
CA PHE C 142 2.60 17.15 -29.17
C PHE C 142 1.47 17.19 -28.17
N PHE C 143 1.74 16.69 -26.97
CA PHE C 143 0.81 16.73 -25.85
C PHE C 143 1.59 17.04 -24.59
N GLU C 144 0.87 17.43 -23.54
CA GLU C 144 1.47 17.65 -22.23
C GLU C 144 0.97 16.58 -21.27
N LEU C 145 1.90 15.95 -20.57
CA LEU C 145 1.58 14.99 -19.52
C LEU C 145 1.50 15.75 -18.19
N HIS C 146 0.34 15.69 -17.54
CA HIS C 146 0.10 16.42 -16.31
C HIS C 146 -0.19 15.44 -15.19
N LEU C 147 0.70 15.37 -14.20
CA LEU C 147 0.47 14.58 -13.01
C LEU C 147 -0.40 15.35 -12.03
N SER C 148 -1.39 14.65 -11.46
CA SER C 148 -2.33 15.28 -10.55
C SER C 148 -1.61 15.88 -9.34
N THR C 149 -2.32 16.77 -8.65
CA THR C 149 -1.80 17.45 -7.47
C THR C 149 -2.76 17.25 -6.31
N SER C 150 -2.20 17.10 -5.12
CA SER C 150 -2.96 17.16 -3.88
C SER C 150 -1.99 17.61 -2.80
N PRO C 151 -1.99 18.90 -2.45
CA PRO C 151 -1.03 19.39 -1.45
C PRO C 151 -1.29 18.80 -0.08
N SER C 152 -0.20 18.54 0.63
CA SER C 152 -0.29 17.85 1.91
C SER C 152 -0.79 18.79 3.01
N LEU C 153 -1.25 18.18 4.10
CA LEU C 153 -1.75 18.95 5.24
C LEU C 153 -0.67 19.87 5.79
N ILE C 154 0.59 19.41 5.77
CA ILE C 154 1.70 20.17 6.34
C ILE C 154 2.45 20.97 5.28
N SER C 155 1.87 21.11 4.08
CA SER C 155 2.49 21.76 2.94
C SER C 155 2.42 23.29 3.07
N PRO C 156 3.52 24.00 2.80
CA PRO C 156 3.51 25.46 2.90
C PRO C 156 2.85 26.22 1.75
N ARG C 157 3.14 25.87 0.48
CA ARG C 157 2.51 26.49 -0.69
C ARG C 157 3.01 27.91 -0.91
N LEU C 158 2.40 28.69 -1.81
CA LEU C 158 3.01 29.97 -2.22
C LEU C 158 2.00 31.11 -2.33
N SER C 159 2.53 32.33 -2.22
CA SER C 159 1.79 33.54 -1.88
C SER C 159 0.78 33.94 -2.95
N GLY C 160 1.25 34.25 -4.14
CA GLY C 160 0.46 34.94 -5.16
C GLY C 160 0.11 34.03 -6.31
N ALA C 161 -1.12 34.17 -6.81
CA ALA C 161 -1.63 33.31 -7.87
C ALA C 161 -2.32 34.15 -8.93
N TYR C 162 -2.03 33.80 -10.20
CA TYR C 162 -2.45 34.58 -11.37
C TYR C 162 -3.28 33.71 -12.30
N PRO C 163 -4.57 33.96 -12.48
CA PRO C 163 -5.37 33.18 -13.44
C PRO C 163 -5.54 33.78 -14.84
N TYR C 164 -5.11 35.01 -15.09
CA TYR C 164 -5.40 35.73 -16.34
C TYR C 164 -6.89 35.64 -16.72
C1 NAG D . 5.67 -27.35 4.20
C2 NAG D . 5.47 -28.32 5.34
C3 NAG D . 6.55 -28.12 6.39
C4 NAG D . 7.93 -28.21 5.75
C5 NAG D . 8.04 -27.32 4.52
C6 NAG D . 9.31 -27.54 3.74
C7 NAG D . 3.41 -29.19 6.34
C8 NAG D . 2.06 -28.84 6.92
N2 NAG D . 4.15 -28.15 5.93
O3 NAG D . 6.41 -29.09 7.41
O4 NAG D . 8.93 -27.81 6.68
O5 NAG D . 6.96 -27.57 3.62
O6 NAG D . 9.42 -26.63 2.64
O7 NAG D . 3.79 -30.35 6.25
C1 NAG D . 9.63 -28.97 7.15
C2 NAG D . 10.33 -28.55 8.43
C3 NAG D . 11.06 -29.73 9.07
C4 NAG D . 10.20 -30.99 9.13
C5 NAG D . 9.43 -31.23 7.83
C6 NAG D . 8.35 -32.29 7.95
C7 NAG D . 12.21 -27.45 7.26
C8 NAG D . 13.06 -26.21 7.18
N2 NAG D . 11.25 -27.44 8.19
O3 NAG D . 11.46 -29.37 10.38
O4 NAG D . 11.04 -32.10 9.46
O5 NAG D . 8.75 -30.03 7.42
O6 NAG D . 7.66 -32.20 9.19
O7 NAG D . 12.40 -28.40 6.51
C1 BMA D . 11.59 -32.88 8.36
C2 BMA D . 12.86 -32.21 7.72
C3 BMA D . 13.37 -33.09 6.59
C4 BMA D . 13.58 -34.54 7.07
C5 BMA D . 12.31 -35.08 7.77
C6 BMA D . 12.50 -36.45 8.38
O2 BMA D . 13.90 -32.07 8.67
O3 BMA D . 14.57 -32.57 6.03
O4 BMA D . 13.88 -35.37 5.95
O5 BMA D . 11.96 -34.17 8.82
O6 BMA D . 12.11 -37.43 7.42
C1 NAG E . 3.23 -6.36 23.95
C2 NAG E . 3.76 -7.51 23.14
C3 NAG E . 2.70 -8.58 23.09
C4 NAG E . 2.44 -9.08 24.50
C5 NAG E . 2.22 -7.95 25.52
C6 NAG E . 2.55 -8.39 26.93
C7 NAG E . 5.42 -7.25 21.37
C8 NAG E . 6.36 -7.92 22.31
N2 NAG E . 4.17 -7.09 21.81
O3 NAG E . 3.15 -9.65 22.25
O4 NAG E . 1.30 -9.94 24.52
O5 NAG E . 3.04 -6.78 25.28
O6 NAG E . 2.47 -7.32 27.86
O7 NAG E . 5.77 -6.88 20.25
C1 NAG E . 1.74 -11.30 24.71
C2 NAG E . 0.88 -11.95 25.84
C3 NAG E . 1.21 -13.44 25.97
C4 NAG E . 1.10 -14.13 24.62
C5 NAG E . 1.96 -13.41 23.59
C6 NAG E . 1.84 -13.98 22.20
C7 NAG E . 0.36 -11.42 28.19
C8 NAG E . 0.77 -10.62 29.39
N2 NAG E . 1.12 -11.25 27.10
O3 NAG E . 0.31 -14.04 26.90
O4 NAG E . 1.54 -15.48 24.74
O5 NAG E . 1.53 -12.05 23.50
O6 NAG E . 0.54 -13.83 21.66
O7 NAG E . -0.59 -12.18 28.21
C1 FUC E . 3.73 -6.85 28.46
C2 FUC E . 4.59 -8.06 29.16
C3 FUC E . 5.80 -8.56 28.35
C4 FUC E . 6.59 -7.40 27.81
C5 FUC E . 5.72 -6.66 26.83
C6 FUC E . 6.42 -5.48 26.20
O2 FUC E . 3.74 -9.13 29.60
O3 FUC E . 6.66 -9.31 29.20
O4 FUC E . 6.96 -6.53 28.88
O5 FUC E . 4.52 -6.10 27.44
C1 NAG F . -6.93 17.75 -18.29
C2 NAG F . -7.96 17.78 -19.42
C3 NAG F . -8.06 19.19 -19.99
C4 NAG F . -8.32 20.21 -18.88
C5 NAG F . -7.33 20.03 -17.72
C6 NAG F . -7.66 20.88 -16.51
C7 NAG F . -8.47 15.91 -20.93
C8 NAG F . -7.95 15.01 -22.02
N2 NAG F . -7.62 16.82 -20.46
O3 NAG F . -9.12 19.24 -20.94
O4 NAG F . -8.15 21.52 -19.41
O5 NAG F . -7.31 18.67 -17.27
O6 NAG F . -8.48 20.17 -15.59
O7 NAG F . -9.62 15.82 -20.51
C1 NAG F . -9.35 22.29 -19.24
C2 NAG F . -9.09 23.66 -19.84
C3 NAG F . -10.34 24.54 -19.71
C4 NAG F . -11.55 23.82 -20.30
C5 NAG F . -11.69 22.43 -19.69
C6 NAG F . -12.79 21.62 -20.34
C7 NAG F . -6.88 24.73 -19.91
C8 NAG F . -5.78 25.36 -19.10
N2 NAG F . -7.95 24.31 -19.22
O3 NAG F . -10.12 25.76 -20.39
O4 NAG F . -12.72 24.58 -20.03
O5 NAG F . -10.47 21.69 -19.87
O6 NAG F . -12.72 21.68 -21.76
O7 NAG F . -6.80 24.59 -21.12
C1 GOL G . -2.28 -26.76 21.20
O1 GOL G . -3.42 -27.50 20.92
C2 GOL G . -1.43 -26.80 19.93
O2 GOL G . -0.82 -25.59 19.65
C3 GOL G . -0.42 -27.95 20.16
O3 GOL G . -0.26 -28.58 18.92
C1 GOL H . 1.84 -22.69 17.18
O1 GOL H . 2.70 -21.69 17.62
C2 GOL H . 0.81 -22.04 16.24
O2 GOL H . 1.36 -21.69 15.00
C3 GOL H . 0.26 -20.82 17.03
O3 GOL H . 0.85 -19.68 16.52
C1 GOL I . 4.32 -2.48 4.61
O1 GOL I . 4.65 -1.60 3.59
C2 GOL I . 2.80 -2.36 4.83
O2 GOL I . 2.42 -2.76 6.12
C3 GOL I . 2.17 -3.24 3.73
O3 GOL I . 0.81 -3.32 4.00
C1 GOL J . -3.48 0.26 7.17
O1 GOL J . -3.07 -0.71 6.25
C2 GOL J . -2.47 0.26 8.34
O2 GOL J . -2.62 1.37 9.16
C3 GOL J . -2.71 -1.07 9.10
O3 GOL J . -1.90 -1.04 10.24
C1 GOL K . -2.82 20.07 -31.70
O1 GOL K . -4.16 20.20 -32.04
C2 GOL K . -2.59 18.60 -31.26
O2 GOL K . -3.23 18.31 -30.06
C3 GOL K . -1.06 18.43 -31.17
O3 GOL K . -0.48 19.32 -32.06
C1 GOL L . -7.19 14.61 -34.58
O1 GOL L . -8.38 13.90 -34.70
C2 GOL L . -6.36 14.36 -35.87
O2 GOL L . -6.63 13.11 -36.43
C3 GOL L . -6.70 15.52 -36.82
O3 GOL L . -5.70 15.54 -37.79
#